data_1GAJ
#
_entry.id   1GAJ
#
_cell.length_a   137.52
_cell.length_b   137.52
_cell.length_c   137.52
_cell.angle_alpha   90.0
_cell.angle_beta   90.0
_cell.angle_gamma   90.0
#
_symmetry.space_group_name_H-M   'P 4 3 2'
#
loop_
_entity.id
_entity.type
_entity.pdbx_description
1 polymer 'HIGH-AFFINITY BRANCHED CHAIN AMINO ACID TRANSPORT ATP-BINDING PROTEIN'
2 non-polymer 'SULFATE ION'
3 non-polymer 'CHLORIDE ION'
4 non-polymer 'TERTIARY-BUTYL ALCOHOL'
5 non-polymer DI(HYDROXYETHYL)ETHER
6 water water
#
_entity_poly.entity_id   1
_entity_poly.type   'polypeptide(L)'
_entity_poly.pdbx_seq_one_letter_code
;MRDTMEILRTENIVKYFGEFKALDGVSISVNKGDVTLIIGPNGSGKSTLINVITGFLKADEGRVYFENKDITNKEPAELY
HYGIVRTFQTPQPLKEMTVLENLLIGEINPGESPLNSLFYKKWIPKEEEMVEKAFKILEFLKLSHLYDRKAGELSGGQMK
LVEIGRALMTNPKMIVMDQPIAGVAPGLAHDIFNHVLELKAKGITFLIIEHRLDIVLNYIDHLYVMFNGQIIAEGRGEEE
IKNVLSDPKVVEIYIGE
;
_entity_poly.pdbx_strand_id   A
#
loop_
_chem_comp.id
_chem_comp.type
_chem_comp.name
_chem_comp.formula
CL non-polymer 'CHLORIDE ION' 'Cl -1'
PEG non-polymer DI(HYDROXYETHYL)ETHER 'C4 H10 O3'
SO4 non-polymer 'SULFATE ION' 'O4 S -2'
TBU non-polymer 'TERTIARY-BUTYL ALCOHOL' 'C4 H10 O'
#
# COMPACT_ATOMS: atom_id res chain seq x y z
N MET A 5 -19.70 1.61 -6.80
CA MET A 5 -18.97 2.32 -5.71
C MET A 5 -17.95 1.47 -4.98
N GLU A 6 -18.27 0.22 -4.69
CA GLU A 6 -17.31 -0.64 -4.04
C GLU A 6 -16.34 -1.07 -5.13
N ILE A 7 -15.04 -0.97 -4.87
CA ILE A 7 -14.07 -1.37 -5.87
C ILE A 7 -13.39 -2.66 -5.40
N LEU A 8 -13.33 -2.85 -4.09
CA LEU A 8 -12.70 -4.04 -3.56
C LEU A 8 -13.43 -4.59 -2.34
N ARG A 9 -13.54 -5.91 -2.29
CA ARG A 9 -14.14 -6.58 -1.14
C ARG A 9 -13.48 -7.94 -0.99
N THR A 10 -13.41 -8.41 0.26
CA THR A 10 -12.88 -9.73 0.54
C THR A 10 -14.01 -10.42 1.28
N GLU A 11 -14.24 -11.68 0.92
CA GLU A 11 -15.28 -12.49 1.53
C GLU A 11 -14.63 -13.60 2.37
N ASN A 12 -14.64 -13.42 3.68
CA ASN A 12 -14.09 -14.38 4.63
C ASN A 12 -12.72 -14.93 4.32
N ILE A 13 -11.76 -14.04 4.23
CA ILE A 13 -10.41 -14.43 3.91
C ILE A 13 -9.73 -15.13 5.06
N VAL A 14 -9.19 -16.32 4.79
CA VAL A 14 -8.46 -17.10 5.78
C VAL A 14 -7.06 -17.41 5.32
N LYS A 15 -6.11 -17.33 6.25
CA LYS A 15 -4.70 -17.63 6.00
C LYS A 15 -4.13 -18.32 7.21
N TYR A 16 -3.37 -19.38 6.97
CA TYR A 16 -2.71 -20.17 7.98
C TYR A 16 -1.21 -20.16 7.80
N PHE A 17 -0.49 -20.17 8.91
CA PHE A 17 0.95 -20.23 8.87
C PHE A 17 1.20 -21.40 9.78
N GLY A 18 1.26 -22.58 9.15
CA GLY A 18 1.43 -23.82 9.88
C GLY A 18 0.05 -24.10 10.44
N GLU A 19 -0.05 -24.07 11.77
CA GLU A 19 -1.32 -24.28 12.45
C GLU A 19 -1.90 -22.95 12.91
N PHE A 20 -1.02 -21.96 13.13
CA PHE A 20 -1.43 -20.61 13.58
C PHE A 20 -2.33 -19.95 12.55
N LYS A 21 -3.41 -19.35 13.04
CA LYS A 21 -4.39 -18.69 12.19
C LYS A 21 -4.27 -17.15 12.14
N ALA A 22 -3.35 -16.67 11.28
CA ALA A 22 -3.01 -15.25 11.07
C ALA A 22 -4.17 -14.36 10.72
N LEU A 23 -5.06 -14.87 9.89
CA LEU A 23 -6.25 -14.16 9.49
C LEU A 23 -7.40 -15.07 9.87
N ASP A 24 -8.59 -14.50 10.10
CA ASP A 24 -9.77 -15.29 10.51
C ASP A 24 -11.11 -14.81 9.91
N GLY A 25 -11.37 -15.21 8.68
CA GLY A 25 -12.59 -14.83 8.00
C GLY A 25 -12.76 -13.34 7.94
N VAL A 26 -11.77 -12.66 7.36
CA VAL A 26 -11.83 -11.22 7.25
C VAL A 26 -12.54 -10.78 5.98
N SER A 27 -13.56 -9.96 6.13
CA SER A 27 -14.27 -9.46 4.99
C SER A 27 -14.23 -7.94 5.12
N ILE A 28 -13.93 -7.26 4.02
CA ILE A 28 -13.87 -5.80 4.02
C ILE A 28 -14.28 -5.30 2.65
N SER A 29 -14.86 -4.12 2.64
CA SER A 29 -15.30 -3.48 1.41
C SER A 29 -14.62 -2.11 1.40
N VAL A 30 -14.15 -1.73 0.21
CA VAL A 30 -13.49 -0.45 -0.01
C VAL A 30 -14.07 0.17 -1.25
N ASN A 31 -14.56 1.39 -1.09
CA ASN A 31 -15.16 2.15 -2.18
C ASN A 31 -14.13 2.83 -3.03
N LYS A 32 -14.44 2.90 -4.31
CA LYS A 32 -13.58 3.55 -5.25
C LYS A 32 -13.24 4.96 -4.76
N GLY A 33 -11.98 5.33 -4.96
CA GLY A 33 -11.52 6.64 -4.56
C GLY A 33 -11.39 6.83 -3.05
N ASP A 34 -11.59 5.78 -2.27
CA ASP A 34 -11.48 5.98 -0.84
C ASP A 34 -10.07 5.77 -0.32
N VAL A 35 -9.81 6.35 0.84
CA VAL A 35 -8.51 6.18 1.46
C VAL A 35 -8.89 5.41 2.70
N THR A 36 -8.67 4.10 2.61
CA THR A 36 -9.01 3.21 3.68
C THR A 36 -7.80 2.81 4.48
N LEU A 37 -7.86 3.01 5.79
CA LEU A 37 -6.77 2.64 6.67
C LEU A 37 -7.16 1.48 7.58
N ILE A 38 -6.20 0.62 7.90
CA ILE A 38 -6.47 -0.49 8.80
C ILE A 38 -5.42 -0.39 9.89
N ILE A 39 -5.84 -0.60 11.14
CA ILE A 39 -4.91 -0.50 12.25
C ILE A 39 -5.12 -1.62 13.23
N GLY A 40 -4.17 -1.76 14.16
CA GLY A 40 -4.27 -2.79 15.17
C GLY A 40 -2.88 -3.05 15.73
N PRO A 41 -2.80 -3.63 16.93
CA PRO A 41 -1.48 -3.90 17.52
C PRO A 41 -0.71 -4.93 16.68
N ASN A 42 0.61 -4.92 16.77
CA ASN A 42 1.42 -5.87 16.03
C ASN A 42 1.00 -7.30 16.34
N GLY A 43 0.82 -8.09 15.28
CA GLY A 43 0.39 -9.47 15.42
C GLY A 43 -1.09 -9.65 15.08
N SER A 44 -1.74 -8.63 14.53
CA SER A 44 -3.14 -8.76 14.20
C SER A 44 -3.46 -9.24 12.79
N GLY A 45 -2.41 -9.43 11.97
CA GLY A 45 -2.58 -9.91 10.61
C GLY A 45 -2.88 -8.87 9.56
N LYS A 46 -2.63 -7.60 9.88
CA LYS A 46 -2.86 -6.47 8.98
C LYS A 46 -2.05 -6.64 7.70
N SER A 47 -0.76 -6.93 7.89
CA SER A 47 0.17 -7.13 6.80
C SER A 47 -0.19 -8.35 5.98
N THR A 48 -0.41 -9.47 6.67
CA THR A 48 -0.78 -10.71 6.02
C THR A 48 -1.99 -10.46 5.14
N LEU A 49 -2.95 -9.72 5.69
CA LEU A 49 -4.13 -9.42 4.96
C LEU A 49 -3.80 -8.69 3.66
N ILE A 50 -2.96 -7.65 3.78
CA ILE A 50 -2.53 -6.81 2.66
C ILE A 50 -1.77 -7.61 1.61
N ASN A 51 -0.93 -8.52 2.09
CA ASN A 51 -0.13 -9.40 1.26
C ASN A 51 -1.01 -10.37 0.48
N VAL A 52 -2.08 -10.83 1.13
CA VAL A 52 -2.99 -11.75 0.48
C VAL A 52 -3.66 -11.03 -0.67
N ILE A 53 -4.19 -9.84 -0.36
CA ILE A 53 -4.86 -9.02 -1.36
C ILE A 53 -3.97 -8.71 -2.57
N THR A 54 -2.74 -8.30 -2.32
CA THR A 54 -1.82 -7.94 -3.38
C THR A 54 -1.24 -9.14 -4.12
N GLY A 55 -1.55 -10.33 -3.63
CA GLY A 55 -1.09 -11.53 -4.29
C GLY A 55 0.27 -12.06 -3.87
N PHE A 56 0.83 -11.52 -2.81
CA PHE A 56 2.10 -12.02 -2.35
C PHE A 56 1.88 -13.16 -1.37
N LEU A 57 0.62 -13.37 -1.01
CA LEU A 57 0.24 -14.49 -0.16
C LEU A 57 -0.99 -15.13 -0.74
N LYS A 58 -1.09 -16.42 -0.51
CA LYS A 58 -2.20 -17.20 -0.99
C LYS A 58 -3.24 -17.25 0.11
N ALA A 59 -4.50 -17.00 -0.28
CA ALA A 59 -5.64 -17.09 0.65
C ALA A 59 -5.94 -18.58 0.83
N ASP A 60 -5.90 -19.08 2.05
CA ASP A 60 -6.22 -20.49 2.27
C ASP A 60 -7.71 -20.73 2.07
N GLU A 61 -8.52 -19.77 2.49
CA GLU A 61 -9.97 -19.82 2.34
C GLU A 61 -10.47 -18.41 2.04
N GLY A 62 -11.65 -18.30 1.48
CA GLY A 62 -12.20 -16.99 1.22
C GLY A 62 -11.84 -16.45 -0.13
N ARG A 63 -12.37 -15.29 -0.46
CA ARG A 63 -12.13 -14.68 -1.75
C ARG A 63 -11.81 -13.19 -1.67
N VAL A 64 -11.35 -12.67 -2.82
CA VAL A 64 -11.03 -11.27 -3.02
C VAL A 64 -11.66 -10.83 -4.36
N TYR A 65 -12.40 -9.72 -4.33
CA TYR A 65 -13.05 -9.24 -5.53
C TYR A 65 -12.67 -7.81 -5.88
N PHE A 66 -12.19 -7.63 -7.10
CA PHE A 66 -11.84 -6.30 -7.57
C PHE A 66 -12.80 -5.90 -8.69
N GLU A 67 -13.60 -4.88 -8.39
CA GLU A 67 -14.61 -4.37 -9.30
C GLU A 67 -15.48 -5.57 -9.64
N ASN A 68 -15.85 -6.27 -8.57
CA ASN A 68 -16.70 -7.43 -8.66
C ASN A 68 -16.17 -8.59 -9.50
N LYS A 69 -14.87 -8.65 -9.70
CA LYS A 69 -14.27 -9.75 -10.43
C LYS A 69 -13.47 -10.57 -9.43
N ASP A 70 -13.63 -11.88 -9.51
CA ASP A 70 -12.94 -12.74 -8.59
C ASP A 70 -11.49 -12.78 -9.02
N ILE A 71 -10.65 -12.28 -8.15
CA ILE A 71 -9.24 -12.22 -8.43
C ILE A 71 -8.44 -13.08 -7.46
N THR A 72 -9.14 -13.76 -6.58
CA THR A 72 -8.49 -14.58 -5.58
C THR A 72 -7.30 -15.38 -6.10
N ASN A 73 -6.20 -15.28 -5.34
CA ASN A 73 -4.93 -15.96 -5.61
C ASN A 73 -4.29 -15.77 -6.97
N LYS A 74 -4.47 -14.61 -7.58
CA LYS A 74 -3.83 -14.34 -8.84
C LYS A 74 -2.48 -13.74 -8.49
N GLU A 75 -1.47 -14.09 -9.29
CA GLU A 75 -0.11 -13.59 -9.09
C GLU A 75 -0.10 -12.08 -9.34
N PRO A 76 0.74 -11.34 -8.59
CA PRO A 76 0.82 -9.89 -8.76
C PRO A 76 1.01 -9.41 -10.20
N ALA A 77 1.65 -10.26 -11.01
CA ALA A 77 1.90 -9.92 -12.40
C ALA A 77 0.56 -9.85 -13.10
N GLU A 78 -0.35 -10.71 -12.64
CA GLU A 78 -1.70 -10.77 -13.20
C GLU A 78 -2.58 -9.66 -12.64
N LEU A 79 -2.50 -9.44 -11.33
CA LEU A 79 -3.30 -8.40 -10.69
C LEU A 79 -2.97 -7.03 -11.32
N TYR A 80 -1.75 -6.91 -11.86
CA TYR A 80 -1.28 -5.69 -12.52
C TYR A 80 -2.26 -5.31 -13.65
N HIS A 81 -2.78 -6.32 -14.36
CA HIS A 81 -3.73 -6.08 -15.45
C HIS A 81 -5.06 -5.63 -14.91
N TYR A 82 -5.27 -5.81 -13.61
CA TYR A 82 -6.52 -5.41 -13.00
C TYR A 82 -6.47 -4.00 -12.38
N GLY A 83 -5.26 -3.44 -12.27
CA GLY A 83 -5.07 -2.11 -11.71
C GLY A 83 -4.70 -2.04 -10.24
N ILE A 84 -4.20 -3.16 -9.71
CA ILE A 84 -3.83 -3.26 -8.31
C ILE A 84 -2.32 -3.25 -8.19
N VAL A 85 -1.82 -2.47 -7.24
CA VAL A 85 -0.39 -2.45 -7.02
C VAL A 85 -0.13 -2.15 -5.57
N ARG A 86 1.01 -2.63 -5.13
CA ARG A 86 1.41 -2.49 -3.77
C ARG A 86 2.69 -1.69 -3.82
N THR A 87 2.92 -0.84 -2.84
CA THR A 87 4.18 -0.10 -2.82
C THR A 87 5.19 -1.03 -2.15
N PHE A 88 6.45 -0.96 -2.57
CA PHE A 88 7.47 -1.84 -1.98
C PHE A 88 8.59 -1.06 -1.28
N GLN A 89 8.95 -1.52 -0.09
CA GLN A 89 10.02 -0.87 0.63
C GLN A 89 11.29 -1.13 -0.19
N THR A 90 12.13 -0.12 -0.30
CA THR A 90 13.33 -0.23 -1.08
C THR A 90 14.49 -0.99 -0.43
N PRO A 91 14.96 -2.04 -1.10
CA PRO A 91 16.06 -2.91 -0.68
C PRO A 91 17.39 -2.17 -0.88
N GLN A 92 18.46 -2.65 -0.25
CA GLN A 92 19.77 -2.02 -0.38
C GLN A 92 20.32 -1.99 -1.83
N PRO A 93 20.17 -3.08 -2.57
CA PRO A 93 20.67 -3.07 -3.94
C PRO A 93 20.09 -1.92 -4.73
N LEU A 94 18.81 -1.64 -4.51
CA LEU A 94 18.17 -0.54 -5.21
C LEU A 94 18.64 0.81 -4.72
N LYS A 95 19.09 0.87 -3.48
CA LYS A 95 19.57 2.10 -2.90
C LYS A 95 20.84 2.61 -3.58
N GLU A 96 21.54 1.73 -4.28
CA GLU A 96 22.72 2.14 -5.00
C GLU A 96 22.32 2.75 -6.33
N MET A 97 21.05 2.61 -6.70
CA MET A 97 20.54 3.12 -7.95
C MET A 97 19.84 4.46 -7.85
N THR A 98 19.76 5.16 -8.97
CA THR A 98 19.14 6.47 -9.00
C THR A 98 17.65 6.41 -8.79
N VAL A 99 17.07 7.57 -8.51
CA VAL A 99 15.65 7.73 -8.29
C VAL A 99 14.92 7.31 -9.57
N LEU A 100 15.48 7.69 -10.72
CA LEU A 100 14.85 7.36 -11.99
C LEU A 100 14.79 5.84 -12.17
N GLU A 101 15.92 5.17 -11.94
CA GLU A 101 16.02 3.72 -12.05
C GLU A 101 15.05 3.03 -11.11
N ASN A 102 14.84 3.62 -9.94
CA ASN A 102 13.90 3.07 -9.00
C ASN A 102 12.47 3.14 -9.50
N LEU A 103 12.16 4.07 -10.39
CA LEU A 103 10.81 4.09 -10.92
C LEU A 103 10.85 3.08 -12.06
N LEU A 104 11.97 3.07 -12.79
CA LEU A 104 12.13 2.18 -13.94
C LEU A 104 12.07 0.69 -13.68
N ILE A 105 12.48 0.25 -12.50
CA ILE A 105 12.39 -1.18 -12.28
C ILE A 105 10.94 -1.61 -12.18
N GLY A 106 10.01 -0.67 -12.05
CA GLY A 106 8.59 -1.04 -12.01
C GLY A 106 8.07 -1.56 -13.36
N GLU A 107 8.87 -1.35 -14.40
CA GLU A 107 8.56 -1.73 -15.78
C GLU A 107 8.97 -3.12 -16.19
N ILE A 108 9.97 -3.68 -15.54
CA ILE A 108 10.43 -4.99 -15.94
C ILE A 108 9.46 -6.16 -15.80
N ASN A 109 8.78 -6.24 -14.66
CA ASN A 109 7.79 -7.30 -14.45
C ASN A 109 6.77 -6.51 -13.66
N PRO A 110 5.94 -5.72 -14.36
CA PRO A 110 4.90 -4.88 -13.75
C PRO A 110 4.04 -5.59 -12.72
N GLY A 111 4.07 -5.06 -11.48
CA GLY A 111 3.29 -5.61 -10.38
C GLY A 111 4.12 -6.39 -9.39
N GLU A 112 5.16 -7.02 -9.89
CA GLU A 112 6.04 -7.82 -9.07
C GLU A 112 6.97 -6.91 -8.26
N SER A 113 7.44 -7.40 -7.12
CA SER A 113 8.32 -6.62 -6.26
C SER A 113 9.65 -6.31 -6.92
N PRO A 114 10.39 -5.32 -6.38
CA PRO A 114 11.70 -4.90 -6.89
C PRO A 114 12.78 -5.99 -7.04
N LEU A 115 12.82 -6.97 -6.15
CA LEU A 115 13.81 -8.02 -6.29
C LEU A 115 13.34 -9.16 -7.20
N ASN A 116 12.02 -9.41 -7.22
CA ASN A 116 11.47 -10.44 -8.11
C ASN A 116 11.34 -9.84 -9.52
N SER A 117 11.65 -8.55 -9.62
CA SER A 117 11.63 -7.81 -10.88
C SER A 117 13.12 -7.60 -11.25
N LEU A 118 14.01 -7.50 -10.26
CA LEU A 118 15.45 -7.31 -10.52
C LEU A 118 16.18 -8.62 -10.85
N PHE A 119 15.39 -9.68 -11.04
CA PHE A 119 15.88 -11.01 -11.44
C PHE A 119 16.52 -10.75 -12.83
N TYR A 120 16.06 -9.68 -13.48
CA TYR A 120 16.54 -9.24 -14.80
C TYR A 120 17.89 -8.49 -14.70
N LYS A 121 18.37 -8.29 -13.47
CA LYS A 121 19.66 -7.62 -13.17
C LYS A 121 19.84 -6.18 -13.65
N LYS A 122 21.06 -5.83 -14.10
CA LYS A 122 21.31 -4.46 -14.54
C LYS A 122 20.46 -4.09 -15.72
N TRP A 123 19.67 -5.04 -16.16
CA TRP A 123 18.80 -4.74 -17.24
C TRP A 123 17.64 -3.88 -16.75
N ILE A 124 17.97 -2.68 -16.27
CA ILE A 124 16.95 -1.74 -15.85
C ILE A 124 16.79 -1.01 -17.17
N PRO A 125 15.72 -1.33 -17.90
CA PRO A 125 15.40 -0.73 -19.19
C PRO A 125 15.38 0.77 -19.07
N LYS A 126 16.04 1.45 -20.02
CA LYS A 126 16.05 2.91 -20.02
C LYS A 126 15.43 3.37 -21.33
N GLU A 127 14.36 2.69 -21.72
CA GLU A 127 13.64 3.00 -22.93
C GLU A 127 12.82 4.29 -22.88
N GLU A 128 13.14 5.17 -23.80
CA GLU A 128 12.52 6.48 -23.99
C GLU A 128 11.06 6.62 -23.57
N GLU A 129 10.27 5.61 -23.91
CA GLU A 129 8.86 5.59 -23.58
C GLU A 129 8.64 5.53 -22.05
N MET A 130 9.26 4.55 -21.41
CA MET A 130 9.11 4.36 -19.97
C MET A 130 9.67 5.53 -19.21
N VAL A 131 10.87 5.95 -19.60
CA VAL A 131 11.56 7.08 -18.99
C VAL A 131 10.70 8.34 -19.01
N GLU A 132 10.05 8.60 -20.14
CA GLU A 132 9.19 9.77 -20.25
C GLU A 132 8.08 9.66 -19.21
N LYS A 133 7.59 8.45 -19.00
CA LYS A 133 6.55 8.22 -18.01
C LYS A 133 7.11 8.43 -16.60
N ALA A 134 8.34 7.93 -16.37
CA ALA A 134 9.03 8.08 -15.08
C ALA A 134 9.16 9.55 -14.72
N PHE A 135 9.56 10.35 -15.70
CA PHE A 135 9.71 11.79 -15.52
C PHE A 135 8.38 12.45 -15.29
N LYS A 136 7.36 12.03 -16.04
CA LYS A 136 6.03 12.61 -15.85
C LYS A 136 5.59 12.38 -14.40
N ILE A 137 5.94 11.22 -13.85
CA ILE A 137 5.59 10.90 -12.46
C ILE A 137 6.48 11.70 -11.52
N LEU A 138 7.79 11.67 -11.73
CA LEU A 138 8.70 12.45 -10.89
C LEU A 138 8.21 13.88 -10.91
N GLU A 139 7.64 14.28 -12.03
CA GLU A 139 7.12 15.63 -12.16
C GLU A 139 5.94 15.81 -11.24
N PHE A 140 4.92 14.96 -11.38
CA PHE A 140 3.75 15.04 -10.51
C PHE A 140 4.18 15.00 -9.03
N LEU A 141 5.15 14.17 -8.71
CA LEU A 141 5.57 14.09 -7.33
C LEU A 141 6.47 15.25 -6.92
N LYS A 142 6.86 16.07 -7.91
CA LYS A 142 7.74 17.23 -7.70
C LYS A 142 9.11 16.76 -7.23
N LEU A 143 9.64 15.74 -7.90
CA LEU A 143 10.94 15.16 -7.58
C LEU A 143 11.93 15.10 -8.73
N SER A 144 11.56 15.64 -9.90
CA SER A 144 12.47 15.55 -11.06
C SER A 144 13.90 16.01 -10.79
N HIS A 145 14.06 16.93 -9.83
CA HIS A 145 15.39 17.45 -9.50
C HIS A 145 16.28 16.44 -8.85
N LEU A 146 15.69 15.31 -8.45
CA LEU A 146 16.45 14.28 -7.78
C LEU A 146 16.45 13.05 -8.65
N TYR A 147 16.15 13.20 -9.92
CA TYR A 147 16.11 12.04 -10.80
C TYR A 147 17.45 11.33 -10.92
N ASP A 148 18.53 12.10 -10.86
CA ASP A 148 19.85 11.53 -11.02
C ASP A 148 20.46 11.08 -9.71
N ARG A 149 19.81 11.40 -8.60
CA ARG A 149 20.32 11.09 -7.27
C ARG A 149 20.21 9.63 -6.82
N LYS A 150 21.27 9.13 -6.20
CA LYS A 150 21.26 7.76 -5.71
C LYS A 150 20.22 7.72 -4.59
N ALA A 151 19.25 6.81 -4.72
CA ALA A 151 18.14 6.65 -3.78
C ALA A 151 18.54 6.50 -2.31
N GLY A 152 19.67 5.84 -2.07
CA GLY A 152 20.13 5.63 -0.72
C GLY A 152 20.50 6.93 -0.05
N GLU A 153 20.71 7.98 -0.84
CA GLU A 153 21.08 9.29 -0.33
C GLU A 153 19.89 10.16 0.01
N LEU A 154 18.68 9.64 -0.20
CA LEU A 154 17.47 10.39 0.09
C LEU A 154 17.02 10.23 1.55
N SER A 155 16.15 11.13 2.00
CA SER A 155 15.62 11.07 3.34
C SER A 155 14.58 9.94 3.30
N GLY A 156 14.11 9.55 4.48
CA GLY A 156 13.11 8.51 4.58
C GLY A 156 11.81 8.85 3.89
N GLY A 157 11.39 10.11 4.01
CA GLY A 157 10.15 10.55 3.41
C GLY A 157 10.33 10.66 1.92
N GLN A 158 11.51 11.07 1.50
CA GLN A 158 11.80 11.17 0.08
C GLN A 158 11.71 9.78 -0.52
N MET A 159 12.40 8.83 0.11
CA MET A 159 12.40 7.44 -0.35
C MET A 159 10.97 6.88 -0.45
N LYS A 160 10.14 7.19 0.53
CA LYS A 160 8.76 6.75 0.54
C LYS A 160 8.02 7.31 -0.65
N LEU A 161 8.33 8.54 -1.00
CA LEU A 161 7.64 9.15 -2.12
C LEU A 161 8.04 8.49 -3.41
N VAL A 162 9.29 8.08 -3.48
CA VAL A 162 9.82 7.43 -4.68
C VAL A 162 9.12 6.09 -4.90
N GLU A 163 8.88 5.38 -3.81
CA GLU A 163 8.21 4.10 -3.84
C GLU A 163 6.80 4.28 -4.40
N ILE A 164 6.15 5.35 -3.98
CA ILE A 164 4.82 5.64 -4.51
C ILE A 164 4.97 5.85 -6.00
N GLY A 165 6.03 6.55 -6.41
CA GLY A 165 6.26 6.81 -7.82
C GLY A 165 6.48 5.53 -8.60
N ARG A 166 7.18 4.58 -8.00
CA ARG A 166 7.44 3.30 -8.64
C ARG A 166 6.10 2.55 -8.91
N ALA A 167 5.14 2.70 -7.98
CA ALA A 167 3.82 2.09 -8.13
C ALA A 167 3.01 2.76 -9.22
N LEU A 168 3.08 4.09 -9.30
CA LEU A 168 2.33 4.81 -10.32
C LEU A 168 2.76 4.43 -11.73
N MET A 169 3.94 3.82 -11.83
CA MET A 169 4.47 3.40 -13.12
C MET A 169 3.56 2.37 -13.75
N THR A 170 2.66 1.79 -12.95
CA THR A 170 1.75 0.78 -13.43
C THR A 170 0.33 1.32 -13.63
N ASN A 171 0.19 2.63 -13.67
CA ASN A 171 -1.13 3.29 -13.83
C ASN A 171 -2.15 2.56 -13.01
N PRO A 172 -1.89 2.35 -11.72
CA PRO A 172 -2.87 1.63 -10.90
C PRO A 172 -4.19 2.38 -10.66
N LYS A 173 -5.23 1.62 -10.31
CA LYS A 173 -6.54 2.15 -9.96
C LYS A 173 -6.57 2.11 -8.44
N MET A 174 -5.78 1.22 -7.87
CA MET A 174 -5.72 1.08 -6.44
C MET A 174 -4.30 0.81 -5.97
N ILE A 175 -3.89 1.54 -4.94
CA ILE A 175 -2.56 1.41 -4.38
C ILE A 175 -2.73 0.92 -2.96
N VAL A 176 -1.99 -0.13 -2.64
CA VAL A 176 -2.02 -0.71 -1.32
C VAL A 176 -0.65 -0.36 -0.75
N MET A 177 -0.63 0.24 0.44
CA MET A 177 0.61 0.65 1.09
C MET A 177 0.70 0.24 2.54
N ASP A 178 1.76 -0.47 2.86
CA ASP A 178 1.97 -0.91 4.23
C ASP A 178 2.86 0.09 4.92
N GLN A 179 2.25 0.96 5.71
CA GLN A 179 2.99 1.96 6.46
C GLN A 179 3.77 2.90 5.55
N PRO A 180 3.07 3.84 4.89
CA PRO A 180 3.74 4.78 4.00
C PRO A 180 4.56 5.88 4.70
N ILE A 181 4.20 6.22 5.94
CA ILE A 181 4.94 7.27 6.66
C ILE A 181 5.57 6.96 8.02
N ALA A 182 5.87 5.70 8.29
CA ALA A 182 6.51 5.36 9.55
C ALA A 182 7.96 5.85 9.43
N GLY A 183 8.43 6.59 10.43
CA GLY A 183 9.80 7.09 10.43
C GLY A 183 10.03 8.32 9.56
N VAL A 184 8.95 8.93 9.11
CA VAL A 184 9.03 10.12 8.28
C VAL A 184 8.66 11.31 9.16
N ALA A 185 9.46 12.37 9.10
CA ALA A 185 9.20 13.58 9.90
C ALA A 185 7.85 14.20 9.48
N PRO A 186 7.02 14.58 10.47
CA PRO A 186 5.69 15.18 10.30
C PRO A 186 5.41 16.04 9.06
N GLY A 187 6.31 16.97 8.77
CA GLY A 187 6.15 17.84 7.62
C GLY A 187 6.14 17.10 6.29
N LEU A 188 7.12 16.19 6.16
CA LEU A 188 7.24 15.36 4.96
C LEU A 188 6.07 14.35 4.91
N ALA A 189 5.65 13.88 6.09
CA ALA A 189 4.56 12.93 6.23
C ALA A 189 3.23 13.46 5.67
N HIS A 190 2.85 14.66 6.10
CA HIS A 190 1.62 15.28 5.65
C HIS A 190 1.74 15.52 4.15
N ASP A 191 2.96 15.78 3.72
CA ASP A 191 3.23 16.05 2.31
C ASP A 191 2.98 14.82 1.46
N ILE A 192 3.40 13.68 2.00
CA ILE A 192 3.20 12.42 1.31
C ILE A 192 1.71 12.21 1.16
N PHE A 193 1.01 12.25 2.29
CA PHE A 193 -0.45 12.06 2.28
C PHE A 193 -1.15 13.13 1.46
N ASN A 194 -0.50 14.28 1.36
CA ASN A 194 -1.07 15.34 0.57
C ASN A 194 -1.14 14.85 -0.88
N HIS A 195 -0.04 14.24 -1.33
CA HIS A 195 0.01 13.70 -2.66
C HIS A 195 -1.03 12.58 -2.84
N VAL A 196 -1.36 11.87 -1.75
CA VAL A 196 -2.35 10.81 -1.82
C VAL A 196 -3.70 11.40 -2.19
N LEU A 197 -4.07 12.48 -1.50
CA LEU A 197 -5.32 13.19 -1.74
C LEU A 197 -5.31 13.69 -3.17
N GLU A 198 -4.16 14.19 -3.59
CA GLU A 198 -3.97 14.65 -4.95
C GLU A 198 -4.38 13.51 -5.89
N LEU A 199 -3.95 12.29 -5.52
CA LEU A 199 -4.23 11.10 -6.31
C LEU A 199 -5.63 10.58 -6.15
N LYS A 200 -6.16 10.74 -4.95
CA LYS A 200 -7.53 10.34 -4.65
C LYS A 200 -8.35 11.13 -5.64
N ALA A 201 -7.94 12.38 -5.80
CA ALA A 201 -8.56 13.34 -6.71
C ALA A 201 -8.65 12.81 -8.13
N LYS A 202 -7.64 12.09 -8.60
CA LYS A 202 -7.69 11.58 -9.96
C LYS A 202 -8.41 10.23 -10.05
N GLY A 203 -8.98 9.80 -8.93
CA GLY A 203 -9.72 8.56 -8.89
C GLY A 203 -8.98 7.32 -8.38
N ILE A 204 -7.83 7.51 -7.74
CA ILE A 204 -7.09 6.37 -7.23
C ILE A 204 -7.53 5.96 -5.81
N THR A 205 -7.77 4.66 -5.63
CA THR A 205 -8.19 4.14 -4.34
C THR A 205 -7.00 3.64 -3.51
N PHE A 206 -7.08 3.89 -2.21
CA PHE A 206 -6.01 3.53 -1.31
C PHE A 206 -6.40 2.62 -0.16
N LEU A 207 -5.51 1.68 0.12
CA LEU A 207 -5.67 0.76 1.21
C LEU A 207 -4.34 0.91 1.94
N ILE A 208 -4.39 1.38 3.17
CA ILE A 208 -3.17 1.67 3.92
C ILE A 208 -3.11 1.09 5.30
N ILE A 209 -1.90 0.75 5.74
CA ILE A 209 -1.68 0.24 7.07
C ILE A 209 -0.81 1.28 7.71
N GLU A 210 -1.11 1.71 8.91
CA GLU A 210 -0.24 2.71 9.53
C GLU A 210 -0.37 2.62 11.05
N HIS A 211 0.54 3.28 11.78
CA HIS A 211 0.52 3.29 13.26
C HIS A 211 0.57 4.69 13.91
N ARG A 212 1.05 5.69 13.18
CA ARG A 212 1.12 7.05 13.71
C ARG A 212 -0.20 7.73 13.36
N LEU A 213 -1.18 7.60 14.25
CA LEU A 213 -2.51 8.19 14.03
C LEU A 213 -2.58 9.72 14.13
N ASP A 214 -1.60 10.29 14.83
CA ASP A 214 -1.52 11.73 15.03
C ASP A 214 -1.33 12.54 13.74
N ILE A 215 -1.18 11.86 12.60
CA ILE A 215 -0.97 12.58 11.33
C ILE A 215 -2.01 12.13 10.33
N VAL A 216 -2.01 10.81 10.18
CA VAL A 216 -2.83 10.10 9.25
C VAL A 216 -4.33 10.36 9.35
N LEU A 217 -4.90 10.25 10.55
CA LEU A 217 -6.35 10.41 10.77
C LEU A 217 -7.10 11.47 9.98
N ASN A 218 -6.45 12.59 9.70
CA ASN A 218 -7.13 13.63 8.95
C ASN A 218 -7.25 13.35 7.46
N TYR A 219 -6.63 12.26 7.01
CA TYR A 219 -6.61 11.89 5.60
C TYR A 219 -7.48 10.72 5.16
N ILE A 220 -7.76 9.83 6.10
CA ILE A 220 -8.54 8.62 5.83
C ILE A 220 -10.05 8.85 5.89
N ASP A 221 -10.80 8.16 5.05
CA ASP A 221 -12.25 8.27 5.06
C ASP A 221 -12.92 6.89 5.19
N HIS A 222 -12.22 5.96 5.85
CA HIS A 222 -12.67 4.58 6.07
C HIS A 222 -11.63 3.90 6.94
N LEU A 223 -12.00 3.60 8.17
CA LEU A 223 -11.10 2.93 9.12
C LEU A 223 -11.56 1.48 9.44
N TYR A 224 -10.61 0.61 9.78
CA TYR A 224 -10.91 -0.77 10.16
C TYR A 224 -9.88 -1.03 11.24
N VAL A 225 -10.25 -1.81 12.24
CA VAL A 225 -9.32 -2.10 13.30
C VAL A 225 -9.25 -3.63 13.26
N MET A 226 -8.07 -4.19 13.53
CA MET A 226 -7.90 -5.63 13.46
C MET A 226 -7.22 -6.17 14.69
N PHE A 227 -7.66 -7.34 15.14
CA PHE A 227 -7.06 -7.98 16.30
C PHE A 227 -7.16 -9.48 16.12
N ASN A 228 -6.04 -10.17 16.35
CA ASN A 228 -5.99 -11.61 16.19
C ASN A 228 -6.58 -12.09 14.87
N GLY A 229 -6.23 -11.42 13.77
CA GLY A 229 -6.74 -11.86 12.48
C GLY A 229 -8.16 -11.52 12.07
N GLN A 230 -8.92 -10.79 12.87
CA GLN A 230 -10.25 -10.46 12.41
C GLN A 230 -10.60 -9.02 12.65
N ILE A 231 -11.51 -8.54 11.81
CA ILE A 231 -11.97 -7.17 11.89
C ILE A 231 -12.77 -7.01 13.18
N ILE A 232 -12.24 -6.24 14.12
CA ILE A 232 -12.91 -6.02 15.38
C ILE A 232 -13.54 -4.63 15.49
N ALA A 233 -13.53 -3.85 14.42
CA ALA A 233 -14.10 -2.50 14.40
C ALA A 233 -14.00 -1.81 13.04
N GLU A 234 -15.05 -1.08 12.68
CA GLU A 234 -15.10 -0.36 11.43
C GLU A 234 -15.65 1.03 11.78
N GLY A 235 -15.54 1.96 10.83
CA GLY A 235 -16.01 3.31 11.06
C GLY A 235 -15.77 4.11 9.80
N ARG A 236 -16.85 4.41 9.09
CA ARG A 236 -16.74 5.17 7.87
C ARG A 236 -17.09 6.62 8.16
N GLY A 237 -16.13 7.50 7.95
CA GLY A 237 -16.36 8.90 8.21
C GLY A 237 -15.84 9.34 9.58
N GLU A 238 -15.46 10.61 9.58
CA GLU A 238 -14.92 11.38 10.71
C GLU A 238 -15.54 11.12 12.09
N GLU A 239 -16.85 11.25 12.13
CA GLU A 239 -17.64 11.04 13.33
C GLU A 239 -17.51 9.60 13.88
N GLU A 240 -17.85 8.62 13.03
CA GLU A 240 -17.77 7.19 13.38
C GLU A 240 -16.37 6.84 13.87
N ILE A 241 -15.38 7.39 13.16
CA ILE A 241 -13.96 7.19 13.45
C ILE A 241 -13.59 7.68 14.86
N LYS A 242 -14.05 8.87 15.20
CA LYS A 242 -13.78 9.46 16.52
C LYS A 242 -14.32 8.49 17.57
N ASN A 243 -15.49 7.92 17.28
CA ASN A 243 -16.17 6.94 18.15
C ASN A 243 -15.35 5.67 18.31
N VAL A 244 -14.96 5.15 17.15
CA VAL A 244 -14.16 3.95 17.03
C VAL A 244 -12.91 4.10 17.88
N LEU A 245 -12.25 5.26 17.77
CA LEU A 245 -11.03 5.54 18.54
C LEU A 245 -11.32 5.69 20.05
N SER A 246 -12.51 6.18 20.35
CA SER A 246 -12.99 6.40 21.73
C SER A 246 -13.27 5.06 22.43
N ASP A 247 -13.92 4.16 21.71
CA ASP A 247 -14.28 2.84 22.20
C ASP A 247 -13.17 2.19 23.02
N PRO A 248 -13.46 1.86 24.28
CA PRO A 248 -12.52 1.23 25.22
C PRO A 248 -11.97 -0.13 24.81
N LYS A 249 -12.70 -0.87 24.00
CA LYS A 249 -12.19 -2.17 23.60
C LYS A 249 -10.94 -2.00 22.72
N VAL A 250 -10.92 -0.92 21.94
CA VAL A 250 -9.80 -0.58 21.06
C VAL A 250 -8.58 -0.24 21.89
N VAL A 251 -8.72 0.74 22.78
CA VAL A 251 -7.63 1.16 23.65
C VAL A 251 -7.02 -0.03 24.40
N GLU A 252 -7.88 -0.93 24.84
CA GLU A 252 -7.44 -2.08 25.60
C GLU A 252 -6.56 -3.06 24.87
N ILE A 253 -6.79 -3.24 23.57
CA ILE A 253 -5.95 -4.16 22.82
C ILE A 253 -4.50 -3.68 22.84
N TYR A 254 -4.32 -2.39 23.11
CA TYR A 254 -3.00 -1.77 23.18
C TYR A 254 -2.39 -1.75 24.57
N ILE A 255 -3.15 -2.20 25.57
CA ILE A 255 -2.68 -2.25 26.95
C ILE A 255 -2.96 -3.65 27.52
N GLY A 256 -2.09 -4.09 28.40
CA GLY A 256 -2.19 -5.44 28.93
C GLY A 256 -1.21 -6.17 28.02
N GLU A 257 -0.40 -7.07 28.57
CA GLU A 257 0.59 -7.79 27.75
C GLU A 257 0.06 -9.14 27.29
S SO4 B . 0.45 -7.20 11.82
O1 SO4 B . 0.25 -6.78 10.47
O2 SO4 B . 1.57 -6.51 12.39
O3 SO4 B . -0.70 -6.85 12.57
O4 SO4 B . 0.69 -8.62 11.85
CL CL C . 7.60 6.36 13.72
CL CL D . 1.41 -18.40 0.24
O TBU E . -3.65 4.75 20.90
C TBU E . -4.85 4.10 21.27
C1 TBU E . -5.28 3.29 20.07
C2 TBU E . -5.93 5.13 21.60
C3 TBU E . -4.57 3.26 22.52
O TBU F . 22.99 -5.34 -12.20
C TBU F . 22.33 -4.65 -11.14
C1 TBU F . 21.19 -5.58 -10.65
C2 TBU F . 21.76 -3.34 -11.63
C3 TBU F . 23.37 -4.36 -10.06
O TBU G . -1.91 3.50 19.44
C TBU G . -1.78 4.18 18.19
C1 TBU G . -0.38 4.82 18.17
C2 TBU G . -2.84 5.25 18.11
C3 TBU G . -1.99 3.19 17.06
C1 PEG H . 7.45 -8.12 -0.98
O1 PEG H . 8.64 -8.86 -1.26
C2 PEG H . 6.09 -8.54 -0.72
O2 PEG H . 5.82 -9.07 0.73
C3 PEG H . 6.52 -10.30 1.06
C4 PEG H . 5.54 -11.21 1.54
O4 PEG H . 5.63 -12.66 1.05
C1 PEG I . 6.58 -13.41 1.83
C2 PEG I . 6.65 -14.79 1.33
#